data_6M72
#
_entry.id   6M72
#
_cell.length_a   192.029
_cell.length_b   37.090
_cell.length_c   44.650
_cell.angle_alpha   90.000
_cell.angle_beta   90.000
_cell.angle_gamma   90.000
#
_symmetry.space_group_name_H-M   'P 21 21 2'
#
loop_
_entity.id
_entity.type
_entity.pdbx_description
1 polymer 'Hydrolase, NUDIX family protein'
2 non-polymer "2'-deoxy-8-oxoguanosine 5'-(trihydrogen diphosphate)"
3 non-polymer 'PYROPHOSPHATE 2-'
4 non-polymer 'MAGNESIUM ION'
5 water water
#
_entity_poly.entity_id   1
_entity_poly.type   'polypeptide(L)'
_entity_poly.pdbx_seq_one_letter_code
;MGSSHHHHHHSSGLVPRGSHMMPVDDLQEIPLSKDTTEKSKHTVRAAGAVLWRDASEHGGTTGHPATVEVAVIHRPRYDD
WSLPKGKLDQGETEPVAAAREIHEETGHTAVLGRRLGRVTYPIPQGTKRVWYWAAKSTGGDFSPNDEVDKLVWLPVDAAM
DQLQYPDDRKVLRRFVKRPVDTKTVLVVRHGTAGRRSRYKGDDRKRPLDKRGRAQAEALVAQLMAFGATTLYAADRVRCH
QTIEPLAQELDQLIHNEPLLTEEAYAADHKAARKRLLEIAGRPGNPVICTQGKVIPGLIEWWCERAKVRPETTGNRKGST
WVLSLSDGELVGADYLSPPDEK
;
_entity_poly.pdbx_strand_id   A
#
loop_
_chem_comp.id
_chem_comp.type
_chem_comp.name
_chem_comp.formula
8GD non-polymer '2'-deoxy-8-oxoguanosine 5'-(trihydrogen diphosphate)' 'C10 H15 N5 O11 P2'
MG non-polymer 'MAGNESIUM ION' 'Mg 2'
POP non-polymer 'PYROPHOSPHATE 2-' 'H2 O7 P2 -2'
#
# COMPACT_ATOMS: atom_id res chain seq x y z
N HIS A 42 -15.00 11.38 20.18
CA HIS A 42 -13.75 11.18 19.39
C HIS A 42 -13.77 9.84 18.63
N THR A 43 -13.30 9.85 17.38
CA THR A 43 -13.15 8.61 16.59
C THR A 43 -11.69 8.21 16.70
N VAL A 44 -11.42 6.96 17.03
CA VAL A 44 -10.04 6.42 17.14
C VAL A 44 -9.70 5.70 15.82
N ARG A 45 -8.61 6.14 15.18
CA ARG A 45 -8.12 5.67 13.85
C ARG A 45 -7.09 4.56 14.09
N ALA A 46 -7.34 3.40 13.49
CA ALA A 46 -6.54 2.17 13.67
C ALA A 46 -6.32 1.49 12.30
N ALA A 47 -5.37 0.57 12.25
CA ALA A 47 -5.12 -0.22 11.04
C ALA A 47 -4.72 -1.61 11.48
N GLY A 48 -5.03 -2.59 10.64
CA GLY A 48 -4.65 -3.96 10.91
C GLY A 48 -4.69 -4.81 9.68
N ALA A 49 -4.56 -6.11 9.92
CA ALA A 49 -4.38 -7.03 8.81
C ALA A 49 -5.02 -8.39 9.09
N VAL A 50 -5.35 -9.05 7.99
CA VAL A 50 -5.45 -10.52 7.89
C VAL A 50 -4.07 -11.02 7.51
N LEU A 51 -3.27 -11.31 8.54
CA LEU A 51 -1.93 -11.95 8.37
C LEU A 51 -2.17 -13.38 7.96
N TRP A 52 -1.57 -13.81 6.86
CA TRP A 52 -1.69 -15.19 6.36
C TRP A 52 -0.29 -15.76 6.05
N ARG A 53 -0.22 -17.07 5.97
CA ARG A 53 1.06 -17.71 5.57
C ARG A 53 0.72 -18.84 4.63
N ASP A 54 1.73 -19.16 3.84
CA ASP A 54 1.75 -20.34 2.98
C ASP A 54 2.30 -21.47 3.84
N ALA A 55 1.42 -22.37 4.27
CA ALA A 55 1.74 -23.47 5.21
C ALA A 55 2.83 -24.41 4.69
N SER A 56 3.01 -24.45 3.38
CA SER A 56 4.02 -25.34 2.75
C SER A 56 5.10 -24.57 2.01
N THR A 67 -1.36 -23.21 0.17
CA THR A 67 -2.03 -23.62 1.43
C THR A 67 -2.13 -22.41 2.36
N VAL A 68 -3.28 -21.74 2.34
CA VAL A 68 -3.42 -20.50 3.12
C VAL A 68 -3.91 -20.79 4.53
N GLU A 69 -3.21 -20.22 5.51
CA GLU A 69 -3.65 -20.23 6.94
C GLU A 69 -3.63 -18.77 7.38
N VAL A 70 -4.64 -18.39 8.14
CA VAL A 70 -4.71 -17.00 8.67
CA VAL A 70 -4.70 -17.02 8.76
C VAL A 70 -4.46 -17.00 10.18
N ALA A 71 -3.81 -15.96 10.67
CA ALA A 71 -3.44 -15.84 12.09
C ALA A 71 -4.64 -15.27 12.83
N VAL A 72 -5.03 -15.91 13.93
CA VAL A 72 -5.99 -15.30 14.88
C VAL A 72 -5.29 -15.12 16.22
N ILE A 73 -5.41 -13.95 16.84
CA ILE A 73 -4.73 -13.65 18.12
C ILE A 73 -5.72 -13.63 19.26
N HIS A 74 -5.25 -14.09 20.43
CA HIS A 74 -6.02 -14.09 21.69
C HIS A 74 -5.47 -13.04 22.66
N ARG A 75 -6.33 -12.19 23.19
CA ARG A 75 -5.97 -11.16 24.18
C ARG A 75 -6.57 -11.50 25.53
N PRO A 76 -5.72 -11.73 26.56
CA PRO A 76 -6.16 -11.95 27.94
C PRO A 76 -7.13 -10.93 28.51
N ARG A 77 -6.84 -9.66 28.27
CA ARG A 77 -7.66 -8.58 28.86
C ARG A 77 -9.14 -8.83 28.61
N TYR A 78 -9.50 -9.10 27.37
CA TYR A 78 -10.91 -9.27 26.95
C TYR A 78 -11.28 -10.75 26.97
N ASP A 79 -10.28 -11.63 26.85
CA ASP A 79 -10.50 -13.05 26.53
C ASP A 79 -11.23 -13.18 25.18
N ASP A 80 -10.64 -12.60 24.12
CA ASP A 80 -11.24 -12.57 22.77
C ASP A 80 -10.22 -13.04 21.75
N TRP A 81 -10.75 -13.45 20.62
CA TRP A 81 -9.99 -13.83 19.41
C TRP A 81 -10.32 -12.81 18.34
N SER A 82 -9.28 -12.24 17.74
CA SER A 82 -9.47 -11.12 16.80
C SER A 82 -8.32 -11.08 15.79
N LEU A 83 -8.35 -10.10 14.91
CA LEU A 83 -7.26 -9.83 13.95
C LEU A 83 -6.31 -8.77 14.51
N PRO A 84 -5.00 -8.88 14.19
CA PRO A 84 -3.99 -7.93 14.66
C PRO A 84 -4.30 -6.53 14.12
N LYS A 85 -4.28 -5.54 14.99
CA LYS A 85 -4.55 -4.13 14.62
C LYS A 85 -4.15 -3.24 15.77
N GLY A 86 -4.01 -1.96 15.50
CA GLY A 86 -3.65 -1.02 16.54
C GLY A 86 -3.81 0.40 16.09
N LYS A 87 -3.65 1.30 17.04
CA LYS A 87 -3.81 2.74 16.72
C LYS A 87 -2.61 3.29 15.95
N LEU A 88 -2.90 4.26 15.10
CA LEU A 88 -1.85 5.04 14.40
C LEU A 88 -1.13 5.89 15.43
N ASP A 89 0.19 5.86 15.38
CA ASP A 89 1.08 6.82 16.06
C ASP A 89 1.03 8.16 15.29
N GLN A 90 1.43 9.24 15.95
CA GLN A 90 1.59 10.58 15.31
C GLN A 90 2.40 10.43 14.01
N GLY A 91 1.93 11.07 12.94
CA GLY A 91 2.59 11.12 11.62
C GLY A 91 2.63 9.78 10.93
N GLU A 92 2.01 8.73 11.48
CA GLU A 92 2.09 7.38 10.87
C GLU A 92 0.95 7.24 9.86
N THR A 93 1.22 6.62 8.70
CA THR A 93 0.19 6.23 7.71
C THR A 93 -0.45 4.90 8.14
N GLU A 94 -1.65 4.62 7.66
CA GLU A 94 -2.40 3.38 7.97
C GLU A 94 -1.54 2.17 7.63
N PRO A 95 -0.93 2.09 6.41
CA PRO A 95 -0.18 0.89 6.04
C PRO A 95 1.01 0.60 6.97
N VAL A 96 1.74 1.65 7.30
CA VAL A 96 2.93 1.57 8.17
C VAL A 96 2.48 1.05 9.54
N ALA A 97 1.35 1.57 10.06
CA ALA A 97 0.80 1.15 11.36
C ALA A 97 0.40 -0.33 11.30
N ALA A 98 -0.24 -0.75 10.21
CA ALA A 98 -0.71 -2.14 10.03
C ALA A 98 0.49 -3.09 10.13
N ALA A 99 1.57 -2.77 9.40
CA ALA A 99 2.80 -3.56 9.38
C ALA A 99 3.42 -3.61 10.78
N ARG A 100 3.45 -2.46 11.48
CA ARG A 100 4.04 -2.40 12.84
C ARG A 100 3.21 -3.28 13.77
N GLU A 101 1.90 -3.15 13.71
CA GLU A 101 1.02 -3.84 14.66
C GLU A 101 1.14 -5.34 14.39
N ILE A 102 1.34 -5.77 13.14
CA ILE A 102 1.56 -7.22 12.85
C ILE A 102 2.80 -7.64 13.63
N HIS A 103 3.87 -6.86 13.51
CA HIS A 103 5.14 -7.24 14.17
C HIS A 103 4.95 -7.22 15.70
N GLU A 104 4.30 -6.20 16.23
CA GLU A 104 4.20 -6.07 17.70
C GLU A 104 3.32 -7.18 18.30
N GLU A 105 2.24 -7.54 17.62
CA GLU A 105 1.25 -8.52 18.18
C GLU A 105 1.49 -9.97 17.80
N THR A 106 2.15 -10.21 16.70
CA THR A 106 2.34 -11.59 16.21
C THR A 106 3.82 -11.99 16.14
N GLY A 107 4.77 -11.04 16.19
CA GLY A 107 6.21 -11.27 15.99
C GLY A 107 6.61 -11.58 14.55
N HIS A 108 5.66 -11.52 13.61
CA HIS A 108 5.93 -11.78 12.17
C HIS A 108 6.27 -10.49 11.44
N THR A 109 7.18 -10.62 10.50
CA THR A 109 7.35 -9.64 9.42
C THR A 109 6.40 -10.02 8.31
N ALA A 110 5.87 -9.03 7.59
CA ALA A 110 4.86 -9.27 6.57
C ALA A 110 4.96 -8.17 5.52
N VAL A 111 4.47 -8.52 4.35
CA VAL A 111 4.31 -7.57 3.23
C VAL A 111 2.80 -7.40 3.03
N LEU A 112 2.32 -6.15 3.03
CA LEU A 112 0.89 -5.84 2.80
C LEU A 112 0.59 -5.98 1.32
N GLY A 113 -0.61 -6.47 0.99
CA GLY A 113 -1.10 -6.58 -0.39
C GLY A 113 -2.38 -5.77 -0.55
N ARG A 114 -3.46 -6.45 -0.90
CA ARG A 114 -4.79 -5.86 -1.15
C ARG A 114 -5.41 -5.29 0.11
N ARG A 115 -5.94 -4.06 0.00
CA ARG A 115 -6.75 -3.43 1.09
C ARG A 115 -8.13 -4.10 1.17
N LEU A 116 -8.57 -4.35 2.39
CA LEU A 116 -9.78 -5.16 2.69
C LEU A 116 -10.83 -4.25 3.31
N GLY A 117 -10.81 -3.00 2.93
CA GLY A 117 -11.85 -2.07 3.37
C GLY A 117 -11.69 -1.67 4.82
N ARG A 118 -12.74 -1.02 5.31
CA ARG A 118 -12.71 -0.38 6.63
C ARG A 118 -13.88 -0.90 7.46
N VAL A 119 -13.72 -0.82 8.78
CA VAL A 119 -14.82 -1.13 9.72
C VAL A 119 -14.89 0.00 10.70
N THR A 120 -16.08 0.18 11.23
CA THR A 120 -16.40 1.18 12.26
C THR A 120 -17.30 0.50 13.29
N TYR A 121 -16.93 0.60 14.56
CA TYR A 121 -17.73 0.07 15.67
C TYR A 121 -17.57 0.96 16.90
N PRO A 122 -18.64 1.05 17.72
CA PRO A 122 -18.56 1.83 18.94
C PRO A 122 -17.63 1.17 19.96
N ILE A 123 -16.99 2.03 20.71
CA ILE A 123 -16.18 1.70 21.90
C ILE A 123 -16.68 2.65 22.98
N PRO A 124 -16.32 2.45 24.27
CA PRO A 124 -16.67 3.42 25.31
C PRO A 124 -16.25 4.87 24.99
N GLN A 125 -15.09 5.05 24.36
CA GLN A 125 -14.53 6.41 24.07
C GLN A 125 -15.25 7.11 22.91
N GLY A 126 -16.08 6.40 22.14
CA GLY A 126 -16.75 6.91 20.93
C GLY A 126 -16.83 5.86 19.83
N THR A 127 -15.97 6.00 18.81
CA THR A 127 -15.97 5.18 17.58
C THR A 127 -14.55 4.72 17.24
N LYS A 128 -14.38 3.41 17.02
CA LYS A 128 -13.16 2.78 16.46
C LYS A 128 -13.35 2.68 14.94
N ARG A 129 -12.36 3.17 14.20
CA ARG A 129 -12.36 3.07 12.73
C ARG A 129 -11.05 2.41 12.31
N VAL A 130 -11.16 1.31 11.60
CA VAL A 130 -9.96 0.49 11.25
C VAL A 130 -9.95 0.20 9.76
N TRP A 131 -8.82 0.49 9.12
CA TRP A 131 -8.51 0.00 7.75
C TRP A 131 -7.72 -1.31 7.84
N TYR A 132 -8.07 -2.27 7.00
CA TYR A 132 -7.46 -3.63 7.02
C TYR A 132 -6.81 -3.96 5.69
N TRP A 133 -5.67 -4.64 5.77
CA TRP A 133 -4.92 -5.17 4.62
C TRP A 133 -4.79 -6.68 4.73
N ALA A 134 -4.74 -7.36 3.60
CA ALA A 134 -4.15 -8.71 3.47
C ALA A 134 -2.65 -8.55 3.66
N ALA A 135 -2.01 -9.43 4.42
CA ALA A 135 -0.57 -9.30 4.69
C ALA A 135 0.04 -10.68 4.73
N LYS A 136 1.00 -10.95 3.84
CA LYS A 136 1.68 -12.27 3.80
C LYS A 136 2.89 -12.25 4.74
N SER A 137 2.96 -13.22 5.66
CA SER A 137 4.11 -13.45 6.53
C SER A 137 5.36 -13.70 5.69
N THR A 138 6.44 -12.99 6.01
CA THR A 138 7.75 -13.17 5.30
C THR A 138 8.84 -13.60 6.29
N GLY A 139 8.48 -13.79 7.55
CA GLY A 139 9.51 -14.12 8.54
C GLY A 139 9.02 -13.90 9.93
N GLY A 140 9.91 -14.23 10.86
CA GLY A 140 9.69 -14.09 12.30
C GLY A 140 8.88 -15.25 12.83
N ASP A 141 8.33 -15.04 14.01
CA ASP A 141 7.71 -16.14 14.78
C ASP A 141 6.93 -15.47 15.89
N PHE A 142 5.96 -16.20 16.41
CA PHE A 142 5.13 -15.69 17.51
C PHE A 142 5.99 -15.62 18.77
N SER A 143 5.95 -14.50 19.49
CA SER A 143 6.41 -14.44 20.89
C SER A 143 5.28 -13.83 21.73
N PRO A 144 4.85 -14.45 22.86
CA PRO A 144 3.84 -13.83 23.71
C PRO A 144 4.31 -12.41 24.08
N ASN A 145 3.36 -11.49 24.19
CA ASN A 145 3.62 -10.07 24.51
C ASN A 145 2.54 -9.60 25.49
N ASP A 146 2.60 -8.31 25.82
CA ASP A 146 1.83 -7.62 26.88
C ASP A 146 0.33 -7.62 26.58
N GLU A 147 -0.02 -7.94 25.36
CA GLU A 147 -1.42 -7.90 24.85
C GLU A 147 -1.90 -9.25 24.29
N VAL A 148 -1.00 -10.06 23.75
CA VAL A 148 -1.39 -11.31 23.04
C VAL A 148 -0.67 -12.48 23.70
N ASP A 149 -1.42 -13.45 24.22
CA ASP A 149 -0.80 -14.63 24.87
C ASP A 149 -0.83 -15.87 23.95
N LYS A 150 -1.69 -15.90 22.94
CA LYS A 150 -1.86 -17.08 22.06
C LYS A 150 -2.03 -16.59 20.63
N LEU A 151 -1.55 -17.37 19.68
CA LEU A 151 -1.79 -17.15 18.26
C LEU A 151 -2.04 -18.49 17.63
N VAL A 152 -3.09 -18.58 16.83
CA VAL A 152 -3.37 -19.83 16.08
C VAL A 152 -3.39 -19.52 14.59
N TRP A 153 -3.00 -20.50 13.81
CA TRP A 153 -2.94 -20.45 12.34
C TRP A 153 -3.98 -21.43 11.81
N LEU A 154 -5.01 -20.92 11.13
CA LEU A 154 -6.18 -21.72 10.72
C LEU A 154 -6.48 -21.51 9.25
N PRO A 155 -7.00 -22.53 8.57
CA PRO A 155 -7.62 -22.35 7.26
C PRO A 155 -8.77 -21.36 7.45
N VAL A 156 -9.20 -20.74 6.37
CA VAL A 156 -10.12 -19.57 6.47
C VAL A 156 -11.45 -19.99 7.11
N ASP A 157 -11.95 -21.20 6.83
CA ASP A 157 -13.27 -21.63 7.36
C ASP A 157 -13.20 -21.76 8.88
N ALA A 158 -12.13 -22.36 9.39
CA ALA A 158 -11.90 -22.53 10.84
C ALA A 158 -11.62 -21.16 11.46
N ALA A 159 -10.93 -20.27 10.72
CA ALA A 159 -10.64 -18.91 11.25
C ALA A 159 -11.95 -18.15 11.42
N MET A 160 -12.91 -18.31 10.49
CA MET A 160 -14.17 -17.55 10.55
C MET A 160 -14.91 -17.91 11.85
N ASP A 161 -14.93 -19.21 12.19
CA ASP A 161 -15.57 -19.75 13.42
C ASP A 161 -14.84 -19.24 14.66
N GLN A 162 -13.51 -19.04 14.58
CA GLN A 162 -12.67 -18.65 15.74
C GLN A 162 -12.87 -17.16 16.05
N LEU A 163 -13.08 -16.38 14.99
CA LEU A 163 -13.26 -14.92 15.16
C LEU A 163 -14.65 -14.65 15.75
N GLN A 164 -14.67 -13.90 16.83
CA GLN A 164 -15.93 -13.65 17.54
C GLN A 164 -16.64 -12.35 17.11
N TYR A 165 -15.90 -11.38 16.59
CA TYR A 165 -16.52 -10.06 16.29
C TYR A 165 -17.06 -10.07 14.87
N PRO A 166 -18.32 -9.62 14.67
CA PRO A 166 -18.87 -9.45 13.33
C PRO A 166 -17.96 -8.63 12.40
N ASP A 167 -17.32 -7.57 12.87
CA ASP A 167 -16.53 -6.74 11.91
C ASP A 167 -15.29 -7.53 11.43
N ASP A 168 -14.71 -8.36 12.28
CA ASP A 168 -13.56 -9.19 11.83
C ASP A 168 -14.00 -10.21 10.80
N ARG A 169 -15.19 -10.79 10.98
CA ARG A 169 -15.73 -11.79 10.03
C ARG A 169 -16.02 -11.12 8.69
N LYS A 170 -16.47 -9.88 8.70
CA LYS A 170 -16.70 -9.05 7.50
C LYS A 170 -15.38 -8.92 6.73
N VAL A 171 -14.35 -8.51 7.46
CA VAL A 171 -12.97 -8.41 6.91
C VAL A 171 -12.51 -9.77 6.35
N LEU A 172 -12.69 -10.88 7.05
CA LEU A 172 -12.17 -12.16 6.52
C LEU A 172 -12.96 -12.54 5.27
N ARG A 173 -14.26 -12.22 5.22
N ARG A 173 -14.25 -12.22 5.20
CA ARG A 173 -15.09 -12.47 4.01
CA ARG A 173 -15.06 -12.51 3.98
C ARG A 173 -14.51 -11.71 2.82
C ARG A 173 -14.48 -11.71 2.80
N ARG A 174 -13.99 -10.49 3.04
CA ARG A 174 -13.42 -9.67 1.95
C ARG A 174 -12.10 -10.33 1.50
N PHE A 175 -11.36 -10.83 2.46
CA PHE A 175 -10.05 -11.48 2.18
C PHE A 175 -10.29 -12.66 1.25
N VAL A 176 -11.31 -13.49 1.49
CA VAL A 176 -11.49 -14.75 0.71
C VAL A 176 -12.04 -14.45 -0.66
N LYS A 177 -12.73 -13.34 -0.82
CA LYS A 177 -13.43 -13.05 -2.09
C LYS A 177 -12.50 -12.93 -3.30
N ARG A 178 -11.23 -12.61 -3.10
CA ARG A 178 -10.29 -12.49 -4.25
C ARG A 178 -8.95 -13.14 -3.93
N PRO A 179 -8.04 -13.34 -4.90
CA PRO A 179 -6.73 -13.86 -4.62
C PRO A 179 -5.96 -13.01 -3.60
N VAL A 180 -5.11 -13.67 -2.82
CA VAL A 180 -4.31 -12.96 -1.79
C VAL A 180 -2.80 -13.09 -2.07
N ASP A 181 -2.36 -14.05 -2.89
CA ASP A 181 -0.93 -14.26 -3.17
C ASP A 181 -0.55 -13.34 -4.33
N THR A 182 -0.64 -12.04 -4.08
CA THR A 182 -0.61 -11.02 -5.14
C THR A 182 0.77 -10.43 -5.26
N LYS A 183 0.98 -9.84 -6.41
CA LYS A 183 2.14 -8.94 -6.62
C LYS A 183 1.57 -7.51 -6.69
N THR A 184 2.46 -6.54 -6.57
CA THR A 184 2.00 -5.18 -6.31
C THR A 184 2.75 -4.25 -7.22
N VAL A 185 2.00 -3.41 -7.90
CA VAL A 185 2.57 -2.26 -8.64
C VAL A 185 2.19 -1.02 -7.84
N LEU A 186 3.14 -0.15 -7.55
CA LEU A 186 2.89 1.01 -6.67
C LEU A 186 3.06 2.27 -7.51
N VAL A 187 1.95 2.91 -7.85
CA VAL A 187 1.97 4.10 -8.74
C VAL A 187 1.93 5.33 -7.86
N VAL A 188 2.99 6.11 -7.90
CA VAL A 188 3.23 7.23 -6.95
C VAL A 188 3.23 8.53 -7.74
N ARG A 189 2.42 9.48 -7.35
CA ARG A 189 2.62 10.86 -7.85
C ARG A 189 3.77 11.50 -7.10
N HIS A 190 4.66 12.17 -7.83
CA HIS A 190 5.83 12.82 -7.22
C HIS A 190 5.38 13.81 -6.16
N GLY A 191 6.26 14.04 -5.22
CA GLY A 191 6.04 15.00 -4.12
C GLY A 191 5.88 16.43 -4.59
N THR A 192 5.60 17.32 -3.64
CA THR A 192 5.44 18.76 -3.95
C THR A 192 6.74 19.31 -4.51
N ALA A 193 6.67 20.15 -5.54
CA ALA A 193 7.86 20.64 -6.24
C ALA A 193 7.71 22.10 -6.64
N GLY A 194 6.96 22.89 -5.87
CA GLY A 194 6.76 24.32 -6.19
C GLY A 194 5.86 24.50 -7.39
N ARG A 195 6.01 25.63 -8.06
CA ARG A 195 5.12 26.06 -9.16
C ARG A 195 5.87 26.20 -10.48
N ARG A 196 5.31 25.64 -11.54
CA ARG A 196 5.89 25.78 -12.89
C ARG A 196 6.02 27.28 -13.18
N SER A 197 4.97 28.03 -12.84
CA SER A 197 4.81 29.51 -12.98
C SER A 197 5.96 30.32 -12.40
N ARG A 198 6.64 29.84 -11.38
CA ARG A 198 7.73 30.69 -10.84
C ARG A 198 9.11 30.11 -11.12
N TYR A 199 9.19 28.96 -11.80
CA TYR A 199 10.53 28.35 -11.98
C TYR A 199 11.32 28.98 -13.15
N LYS A 200 12.55 29.43 -12.88
CA LYS A 200 13.54 29.89 -13.90
C LYS A 200 14.50 28.73 -14.17
N GLY A 201 14.42 28.20 -15.38
CA GLY A 201 15.17 27.03 -15.85
C GLY A 201 14.25 26.08 -16.59
N ASP A 202 14.83 25.03 -17.15
CA ASP A 202 14.11 23.96 -17.86
C ASP A 202 13.18 23.30 -16.84
N ASP A 203 11.88 23.24 -17.12
CA ASP A 203 10.90 22.76 -16.11
C ASP A 203 11.15 21.29 -15.77
N ARG A 204 11.78 20.56 -16.68
CA ARG A 204 12.08 19.13 -16.43
C ARG A 204 13.02 18.99 -15.25
N LYS A 205 13.80 20.03 -14.97
CA LYS A 205 14.81 20.03 -13.89
C LYS A 205 14.24 20.50 -12.54
N ARG A 206 12.98 20.93 -12.50
CA ARG A 206 12.38 21.52 -11.27
C ARG A 206 12.39 20.48 -10.14
N PRO A 207 13.04 20.81 -9.00
CA PRO A 207 13.25 19.85 -7.92
C PRO A 207 12.09 19.85 -6.91
N LEU A 208 12.05 18.82 -6.09
CA LEU A 208 11.10 18.79 -4.97
C LEU A 208 11.42 19.97 -4.07
N ASP A 209 10.38 20.57 -3.49
CA ASP A 209 10.53 21.59 -2.44
C ASP A 209 10.72 20.91 -1.08
N LYS A 210 10.91 21.68 -0.03
CA LYS A 210 11.18 21.04 1.29
C LYS A 210 10.09 20.03 1.67
N ARG A 211 8.84 20.43 1.51
CA ARG A 211 7.70 19.55 1.84
C ARG A 211 7.82 18.27 1.01
N GLY A 212 8.16 18.41 -0.27
CA GLY A 212 8.22 17.24 -1.18
C GLY A 212 9.38 16.33 -0.81
N ARG A 213 10.48 16.90 -0.36
CA ARG A 213 11.62 16.08 0.11
C ARG A 213 11.21 15.32 1.37
N ALA A 214 10.39 15.90 2.23
CA ALA A 214 9.87 15.22 3.44
C ALA A 214 8.90 14.11 3.00
N GLN A 215 8.08 14.37 1.97
CA GLN A 215 7.15 13.32 1.46
C GLN A 215 7.98 12.16 0.94
N ALA A 216 9.07 12.46 0.28
CA ALA A 216 9.95 11.43 -0.35
C ALA A 216 10.52 10.56 0.78
N GLU A 217 11.00 11.17 1.86
CA GLU A 217 11.54 10.42 3.02
C GLU A 217 10.43 9.59 3.63
N ALA A 218 9.21 10.13 3.75
CA ALA A 218 8.08 9.45 4.43
C ALA A 218 7.53 8.30 3.59
N LEU A 219 7.65 8.38 2.26
CA LEU A 219 7.27 7.28 1.36
C LEU A 219 8.12 6.03 1.54
N VAL A 220 9.33 6.10 2.11
CA VAL A 220 10.17 4.89 2.23
C VAL A 220 9.43 3.83 3.05
N ALA A 221 8.99 4.19 4.24
CA ALA A 221 8.28 3.26 5.12
C ALA A 221 6.97 2.79 4.47
N GLN A 222 6.29 3.71 3.78
N GLN A 222 6.24 3.68 3.78
CA GLN A 222 5.00 3.50 3.09
CA GLN A 222 4.96 3.26 3.19
C GLN A 222 5.17 2.41 2.02
C GLN A 222 5.23 2.25 2.06
N LEU A 223 6.21 2.52 1.20
CA LEU A 223 6.38 1.64 0.04
C LEU A 223 7.05 0.34 0.46
N MET A 224 7.88 0.39 1.48
CA MET A 224 8.50 -0.86 1.97
C MET A 224 7.42 -1.74 2.60
N ALA A 225 6.39 -1.14 3.20
CA ALA A 225 5.30 -1.96 3.78
C ALA A 225 4.68 -2.86 2.72
N PHE A 226 4.67 -2.41 1.45
CA PHE A 226 4.15 -3.21 0.33
C PHE A 226 5.23 -4.01 -0.36
N GLY A 227 6.41 -4.11 0.25
CA GLY A 227 7.50 -4.92 -0.34
C GLY A 227 7.95 -4.45 -1.72
N ALA A 228 8.06 -3.12 -1.88
CA ALA A 228 8.68 -2.55 -3.10
C ALA A 228 10.05 -3.16 -3.34
N THR A 229 10.40 -3.44 -4.59
CA THR A 229 11.73 -4.04 -4.89
C THR A 229 12.38 -3.43 -6.10
N THR A 230 11.61 -2.86 -7.02
CA THR A 230 12.25 -2.27 -8.25
C THR A 230 11.65 -0.88 -8.47
N LEU A 231 12.42 -0.01 -9.12
CA LEU A 231 12.10 1.44 -9.15
C LEU A 231 12.16 2.02 -10.56
N TYR A 232 11.11 2.72 -10.91
CA TYR A 232 10.90 3.36 -12.23
C TYR A 232 10.43 4.79 -11.97
N ALA A 233 10.92 5.74 -12.76
CA ALA A 233 10.42 7.12 -12.65
C ALA A 233 10.33 7.73 -14.04
N ALA A 234 9.26 8.46 -14.29
CA ALA A 234 9.15 9.36 -15.45
C ALA A 234 10.38 10.27 -15.54
N ASP A 235 10.72 10.62 -16.76
CA ASP A 235 11.95 11.39 -17.08
C ASP A 235 11.85 12.84 -16.58
N ARG A 236 11.64 13.03 -15.28
CA ARG A 236 11.56 14.37 -14.66
C ARG A 236 12.31 14.29 -13.33
N VAL A 237 13.10 15.30 -13.02
CA VAL A 237 13.86 15.31 -11.75
C VAL A 237 12.91 15.09 -10.55
N ARG A 238 11.78 15.76 -10.54
CA ARG A 238 10.89 15.72 -9.35
C ARG A 238 10.35 14.29 -9.14
N CYS A 239 10.18 13.54 -10.21
CA CYS A 239 9.78 12.12 -10.09
C CYS A 239 10.93 11.29 -9.54
N HIS A 240 12.13 11.52 -10.06
N HIS A 240 12.12 11.51 -10.07
CA HIS A 240 13.28 10.72 -9.57
CA HIS A 240 13.31 10.74 -9.61
C HIS A 240 13.54 10.99 -8.10
C HIS A 240 13.56 11.00 -8.12
N GLN A 241 13.47 12.26 -7.72
CA GLN A 241 13.79 12.67 -6.33
C GLN A 241 12.77 12.10 -5.34
N THR A 242 11.56 11.85 -5.79
CA THR A 242 10.53 11.29 -4.90
C THR A 242 10.89 9.87 -4.45
N ILE A 243 11.57 9.07 -5.27
CA ILE A 243 11.90 7.68 -4.87
C ILE A 243 13.41 7.46 -4.69
N GLU A 244 14.15 8.56 -4.64
N GLU A 244 14.15 8.56 -4.65
CA GLU A 244 15.62 8.45 -4.41
CA GLU A 244 15.61 8.51 -4.40
C GLU A 244 15.84 7.91 -2.99
C GLU A 244 15.83 7.93 -2.99
N PRO A 245 15.16 8.42 -1.93
CA PRO A 245 15.35 7.85 -0.59
C PRO A 245 15.05 6.36 -0.54
N LEU A 246 14.00 5.95 -1.26
CA LEU A 246 13.68 4.50 -1.34
C LEU A 246 14.81 3.79 -2.08
N ALA A 247 15.35 4.42 -3.12
CA ALA A 247 16.46 3.80 -3.87
C ALA A 247 17.64 3.54 -2.91
N GLN A 248 17.92 4.50 -2.05
CA GLN A 248 19.04 4.35 -1.11
C GLN A 248 18.70 3.24 -0.10
N GLU A 249 17.46 3.18 0.35
CA GLU A 249 17.06 2.16 1.36
C GLU A 249 17.21 0.76 0.74
N LEU A 250 16.79 0.60 -0.51
CA LEU A 250 16.88 -0.66 -1.28
C LEU A 250 18.28 -0.91 -1.87
N ASP A 251 19.12 0.11 -1.98
CA ASP A 251 20.37 0.10 -2.79
C ASP A 251 20.04 -0.42 -4.19
N GLN A 252 19.15 0.29 -4.88
N GLN A 252 19.13 0.28 -4.86
CA GLN A 252 18.53 -0.13 -6.17
CA GLN A 252 18.51 -0.10 -6.16
C GLN A 252 18.58 1.09 -7.09
C GLN A 252 18.60 1.11 -7.09
N LEU A 253 18.79 0.90 -8.39
CA LEU A 253 18.86 2.01 -9.38
C LEU A 253 17.44 2.30 -9.85
N ILE A 254 17.16 3.54 -10.20
CA ILE A 254 15.84 3.92 -10.76
C ILE A 254 15.96 3.91 -12.27
N HIS A 255 15.02 3.22 -12.92
CA HIS A 255 14.97 3.12 -14.40
C HIS A 255 14.16 4.32 -14.90
N ASN A 256 14.72 5.04 -15.85
CA ASN A 256 14.09 6.29 -16.34
C ASN A 256 13.05 5.94 -17.41
N GLU A 257 11.89 6.61 -17.39
CA GLU A 257 10.76 6.21 -18.25
C GLU A 257 10.27 7.40 -19.06
N PRO A 258 10.85 7.67 -20.25
CA PRO A 258 10.39 8.77 -21.11
C PRO A 258 8.95 8.68 -21.59
N LEU A 259 8.38 7.46 -21.62
CA LEU A 259 6.99 7.23 -22.11
C LEU A 259 5.96 7.68 -21.07
N LEU A 260 6.39 7.91 -19.82
CA LEU A 260 5.41 8.16 -18.72
C LEU A 260 5.43 9.59 -18.23
N THR A 261 5.97 10.53 -18.99
CA THR A 261 5.85 11.97 -18.72
C THR A 261 4.46 12.43 -19.20
N GLU A 262 4.05 13.52 -18.59
CA GLU A 262 2.80 14.17 -19.07
CA GLU A 262 2.80 14.17 -19.08
C GLU A 262 2.67 14.45 -20.61
N GLU A 263 3.81 14.99 -21.09
CA GLU A 263 3.95 15.33 -22.52
C GLU A 263 3.88 14.05 -23.33
N ALA A 264 4.65 13.05 -22.96
CA ALA A 264 4.63 11.75 -23.71
C ALA A 264 3.23 11.11 -23.62
N TYR A 265 2.64 11.09 -22.43
CA TYR A 265 1.32 10.47 -22.19
C TYR A 265 0.24 11.15 -23.06
N ALA A 266 0.28 12.47 -23.08
CA ALA A 266 -0.74 13.23 -23.83
C ALA A 266 -0.67 12.89 -25.32
N ALA A 267 0.53 12.68 -25.83
CA ALA A 267 0.65 12.44 -27.28
C ALA A 267 0.54 10.96 -27.64
N ASP A 268 0.82 10.08 -26.69
CA ASP A 268 0.78 8.63 -27.00
C ASP A 268 0.37 7.81 -25.78
N HIS A 269 -0.89 7.97 -25.44
CA HIS A 269 -1.45 7.11 -24.35
CA HIS A 269 -1.33 7.14 -24.28
C HIS A 269 -1.20 5.56 -24.40
N LYS A 270 -1.27 5.12 -25.66
CA LYS A 270 -1.21 3.66 -25.91
C LYS A 270 0.20 3.13 -25.61
N ALA A 271 1.26 3.88 -25.93
CA ALA A 271 2.65 3.53 -25.61
C ALA A 271 2.83 3.48 -24.08
N ALA A 272 2.21 4.42 -23.36
CA ALA A 272 2.34 4.48 -21.88
C ALA A 272 1.57 3.29 -21.27
N ARG A 273 0.35 2.99 -21.71
CA ARG A 273 -0.41 1.78 -21.24
C ARG A 273 0.36 0.46 -21.48
N LYS A 274 1.02 0.34 -22.63
CA LYS A 274 1.76 -0.91 -22.91
C LYS A 274 2.96 -1.00 -21.99
N ARG A 275 3.64 0.11 -21.81
CA ARG A 275 4.85 0.15 -20.95
C ARG A 275 4.49 -0.14 -19.50
N LEU A 276 3.33 0.35 -19.02
CA LEU A 276 2.82 0.01 -17.67
C LEU A 276 2.70 -1.51 -17.57
N LEU A 277 2.00 -2.14 -18.52
CA LEU A 277 1.74 -3.59 -18.44
C LEU A 277 3.06 -4.35 -18.54
N GLU A 278 4.01 -3.88 -19.33
CA GLU A 278 5.35 -4.49 -19.43
C GLU A 278 6.07 -4.45 -18.08
N ILE A 279 6.08 -3.30 -17.42
CA ILE A 279 6.74 -3.18 -16.09
C ILE A 279 6.05 -4.14 -15.13
N ALA A 280 4.73 -4.13 -15.10
CA ALA A 280 3.92 -4.94 -14.18
C ALA A 280 4.20 -6.45 -14.39
N GLY A 281 4.55 -6.87 -15.60
CA GLY A 281 4.80 -8.28 -15.92
C GLY A 281 6.13 -8.78 -15.39
N ARG A 282 7.05 -7.87 -15.07
CA ARG A 282 8.42 -8.28 -14.63
C ARG A 282 8.38 -8.85 -13.22
N PRO A 283 9.36 -9.68 -12.80
CA PRO A 283 9.38 -10.21 -11.43
C PRO A 283 9.57 -9.05 -10.44
N GLY A 284 8.95 -9.15 -9.26
CA GLY A 284 9.12 -8.16 -8.17
C GLY A 284 7.97 -7.17 -8.12
N ASN A 285 8.03 -6.24 -7.16
CA ASN A 285 6.96 -5.24 -6.93
C ASN A 285 7.56 -3.91 -7.35
N PRO A 286 7.19 -3.39 -8.53
CA PRO A 286 7.75 -2.13 -8.96
C PRO A 286 7.01 -0.91 -8.42
N VAL A 287 7.78 0.10 -8.12
CA VAL A 287 7.30 1.49 -7.88
C VAL A 287 7.48 2.24 -9.20
N ILE A 288 6.46 2.96 -9.60
CA ILE A 288 6.51 3.83 -10.78
C ILE A 288 6.08 5.22 -10.30
N CYS A 289 6.99 6.19 -10.38
CA CYS A 289 6.70 7.56 -9.93
C CYS A 289 6.51 8.41 -11.19
N THR A 290 5.34 9.02 -11.29
CA THR A 290 4.98 9.84 -12.46
C THR A 290 4.14 11.04 -12.01
N GLN A 291 3.37 11.59 -12.94
CA GLN A 291 2.82 12.97 -12.83
C GLN A 291 1.29 12.97 -12.83
N GLY A 292 0.75 14.09 -12.34
CA GLY A 292 -0.68 14.28 -12.05
C GLY A 292 -1.54 14.01 -13.27
N LYS A 293 -1.07 14.35 -14.46
CA LYS A 293 -1.91 14.22 -15.67
C LYS A 293 -1.75 12.85 -16.33
N VAL A 294 -0.94 11.95 -15.77
CA VAL A 294 -0.70 10.60 -16.30
C VAL A 294 -1.49 9.60 -15.47
N ILE A 295 -1.44 9.78 -14.15
CA ILE A 295 -1.92 8.71 -13.22
C ILE A 295 -3.42 8.49 -13.38
N PRO A 296 -4.33 9.50 -13.28
CA PRO A 296 -5.77 9.20 -13.38
C PRO A 296 -6.09 8.38 -14.64
N GLY A 297 -5.48 8.73 -15.78
CA GLY A 297 -5.79 8.03 -17.03
C GLY A 297 -5.38 6.57 -17.00
N LEU A 298 -4.19 6.27 -16.46
CA LEU A 298 -3.70 4.87 -16.41
C LEU A 298 -4.54 4.07 -15.42
N ILE A 299 -4.81 4.63 -14.25
CA ILE A 299 -5.55 3.87 -13.21
C ILE A 299 -6.98 3.61 -13.69
N GLU A 300 -7.60 4.63 -14.24
CA GLU A 300 -9.01 4.49 -14.63
C GLU A 300 -9.13 3.47 -15.77
N TRP A 301 -8.20 3.53 -16.71
CA TRP A 301 -8.17 2.60 -17.86
C TRP A 301 -8.01 1.17 -17.34
N TRP A 302 -7.10 0.95 -16.41
CA TRP A 302 -6.85 -0.42 -15.90
C TRP A 302 -8.03 -0.89 -15.07
N CYS A 303 -8.61 -0.05 -14.23
CA CYS A 303 -9.76 -0.45 -13.40
C CYS A 303 -10.99 -0.76 -14.26
N GLU A 304 -11.19 -0.01 -15.33
CA GLU A 304 -12.36 -0.26 -16.23
C GLU A 304 -12.19 -1.60 -16.93
N ARG A 305 -11.01 -1.86 -17.44
CA ARG A 305 -10.73 -3.10 -18.19
C ARG A 305 -10.79 -4.35 -17.31
N ALA A 306 -10.42 -4.23 -16.05
CA ALA A 306 -10.39 -5.36 -15.11
C ALA A 306 -11.69 -5.43 -14.33
N LYS A 307 -12.50 -4.39 -14.43
CA LYS A 307 -13.75 -4.31 -13.64
C LYS A 307 -13.43 -4.26 -12.14
N VAL A 308 -12.47 -3.45 -11.79
CA VAL A 308 -12.04 -3.23 -10.37
C VAL A 308 -12.58 -1.88 -9.92
N ARG A 309 -13.30 -1.86 -8.80
CA ARG A 309 -13.86 -0.61 -8.27
C ARG A 309 -13.00 -0.10 -7.11
N PRO A 310 -12.31 1.04 -7.27
CA PRO A 310 -11.51 1.57 -6.18
C PRO A 310 -12.43 2.08 -5.07
N GLU A 311 -12.11 1.76 -3.83
CA GLU A 311 -12.99 2.15 -2.70
C GLU A 311 -12.71 3.63 -2.41
N THR A 312 -11.50 4.07 -2.70
CA THR A 312 -11.08 5.47 -2.46
C THR A 312 -10.42 6.00 -3.71
N THR A 313 -10.31 7.31 -3.80
CA THR A 313 -9.69 7.92 -4.99
C THR A 313 -9.18 9.32 -4.67
N GLY A 314 -8.21 9.71 -5.46
CA GLY A 314 -7.54 10.99 -5.33
C GLY A 314 -6.42 11.01 -6.33
N ASN A 315 -5.67 12.09 -6.36
CA ASN A 315 -4.52 12.25 -7.26
C ASN A 315 -3.50 13.20 -6.66
N ARG A 316 -3.38 13.27 -5.34
CA ARG A 316 -2.56 14.27 -4.66
C ARG A 316 -1.07 13.99 -4.91
N LYS A 317 -0.26 15.04 -4.95
CA LYS A 317 1.20 14.91 -4.90
C LYS A 317 1.61 14.05 -3.70
N GLY A 318 2.44 13.02 -3.93
CA GLY A 318 2.90 12.16 -2.83
C GLY A 318 1.96 10.99 -2.56
N SER A 319 0.81 10.92 -3.23
CA SER A 319 -0.18 9.81 -3.10
C SER A 319 0.37 8.57 -3.79
N THR A 320 -0.18 7.42 -3.43
CA THR A 320 0.19 6.08 -3.95
C THR A 320 -1.08 5.33 -4.33
N TRP A 321 -1.08 4.77 -5.52
CA TRP A 321 -2.04 3.71 -5.89
C TRP A 321 -1.36 2.35 -5.73
N VAL A 322 -1.97 1.48 -4.92
CA VAL A 322 -1.53 0.10 -4.71
C VAL A 322 -2.33 -0.79 -5.66
N LEU A 323 -1.71 -1.23 -6.74
CA LEU A 323 -2.36 -2.10 -7.73
C LEU A 323 -1.96 -3.53 -7.41
N SER A 324 -2.94 -4.35 -7.06
CA SER A 324 -2.72 -5.78 -6.71
C SER A 324 -3.04 -6.64 -7.93
N LEU A 325 -2.05 -7.45 -8.32
CA LEU A 325 -2.14 -8.35 -9.50
C LEU A 325 -2.06 -9.80 -9.05
N SER A 326 -2.91 -10.61 -9.66
CA SER A 326 -2.82 -12.09 -9.51
C SER A 326 -2.84 -12.71 -10.91
N ASP A 327 -1.76 -13.37 -11.28
CA ASP A 327 -1.67 -14.09 -12.58
C ASP A 327 -1.99 -13.13 -13.73
N GLY A 328 -1.43 -11.92 -13.66
CA GLY A 328 -1.57 -10.89 -14.71
C GLY A 328 -2.90 -10.14 -14.67
N GLU A 329 -3.76 -10.40 -13.69
CA GLU A 329 -5.05 -9.69 -13.62
C GLU A 329 -5.07 -8.73 -12.43
N LEU A 330 -5.52 -7.50 -12.68
CA LEU A 330 -5.74 -6.53 -11.60
C LEU A 330 -6.88 -7.05 -10.73
N VAL A 331 -6.70 -7.07 -9.41
CA VAL A 331 -7.75 -7.51 -8.44
C VAL A 331 -7.95 -6.46 -7.35
N GLY A 332 -7.18 -5.36 -7.36
CA GLY A 332 -7.29 -4.34 -6.34
C GLY A 332 -6.64 -3.07 -6.83
N ALA A 333 -7.25 -1.93 -6.49
CA ALA A 333 -6.70 -0.60 -6.81
C ALA A 333 -7.01 0.28 -5.61
N ASP A 334 -6.01 0.50 -4.78
CA ASP A 334 -6.17 1.10 -3.45
C ASP A 334 -5.42 2.42 -3.42
N TYR A 335 -6.17 3.52 -3.36
CA TYR A 335 -5.59 4.86 -3.24
C TYR A 335 -5.19 5.15 -1.79
N LEU A 336 -3.94 5.56 -1.61
CA LEU A 336 -3.36 6.07 -0.34
C LEU A 336 -3.04 7.55 -0.46
N SER A 337 -3.51 8.32 0.53
N SER A 337 -3.52 8.33 0.51
CA SER A 337 -3.25 9.77 0.67
CA SER A 337 -3.23 9.78 0.56
C SER A 337 -1.74 9.99 0.85
C SER A 337 -1.72 9.96 0.72
N PRO A 338 -1.22 11.19 0.48
CA PRO A 338 0.16 11.52 0.77
C PRO A 338 0.44 11.27 2.25
N PRO A 339 1.71 10.95 2.58
CA PRO A 339 2.06 10.52 3.93
C PRO A 339 1.83 11.62 4.97
N ASP A 340 1.77 12.87 4.52
CA ASP A 340 1.66 14.05 5.43
C ASP A 340 0.23 14.62 5.34
N GLU A 341 -0.74 13.87 4.79
CA GLU A 341 -2.17 14.28 4.67
C GLU A 341 -3.08 13.24 5.34
N LYS A 342 -4.28 13.67 5.75
CA LYS A 342 -5.39 12.92 6.41
C LYS A 342 -5.90 13.68 7.63
N1 8GD B . -12.59 -6.22 16.49
C2 8GD B . -12.07 -5.99 17.73
N2 8GD B . -10.78 -6.22 17.88
N3 8GD B . -12.79 -5.61 18.79
C4 8GD B . -14.10 -5.45 18.54
C5 8GD B . -14.68 -5.65 17.31
C6 8GD B . -13.93 -6.06 16.18
O6 8GD B . -14.34 -6.22 15.05
N7 8GD B . -16.03 -5.38 17.45
C8 8GD B . -16.28 -5.03 18.73
O8 8GD B . -17.37 -4.71 19.20
N9 8GD B . -15.08 -5.07 19.42
PA 8GD B . -10.54 -2.77 20.45
PB 8GD B . -8.47 -1.79 22.32
C1' 8GD B . -14.95 -4.68 20.81
O1A 8GD B . -9.76 -3.98 20.13
O1B 8GD B . -8.99 -2.30 23.56
C2' 8GD B . -13.85 -5.34 21.63
O2A 8GD B . -11.13 -2.09 19.29
O2B 8GD B . -7.33 -2.45 21.72
C3' 8GD B . -13.85 -4.38 22.82
O3' 8GD B . -15.02 -4.61 23.59
O3A 8GD B . -9.68 -1.76 21.30
O3B 8GD B . -8.07 -0.27 22.49
C4' 8GD B . -13.98 -3.02 22.14
O4' 8GD B . -14.62 -3.30 20.88
C5' 8GD B . -12.69 -2.27 21.95
O5' 8GD B . -11.72 -3.18 21.42
P1 POP C . 2.76 17.36 -12.09
O1 POP C . 2.11 16.35 -11.30
O2 POP C . 4.09 17.10 -12.46
O3 POP C . 2.01 17.81 -13.21
O POP C . 2.78 18.62 -11.09
P2 POP C . 3.70 19.90 -10.96
O4 POP C . 4.02 20.20 -12.33
O5 POP C . 2.80 20.83 -10.39
O6 POP C . 4.80 19.67 -10.12
MG MG D . -4.20 -4.01 19.34
#